data_8BWX
#
_entry.id   8BWX
#
_cell.length_a   81.684
_cell.length_b   112.024
_cell.length_c   62.539
_cell.angle_alpha   90.00
_cell.angle_beta   90.00
_cell.angle_gamma   90.00
#
_symmetry.space_group_name_H-M   'C 2 2 21'
#
loop_
_entity.id
_entity.type
_entity.pdbx_description
1 polymer '14-3-3 protein sigma'
2 polymer 'ERalpha peptide'
3 non-polymer 4-azanyl-~{N}-[3-(5-carbamimidoylthiophen-3-yl)phenyl]-1-(4-chloranylphenoxy)cyclohexane-1-carboxamide
4 water water
#
loop_
_entity_poly.entity_id
_entity_poly.type
_entity_poly.pdbx_seq_one_letter_code
_entity_poly.pdbx_strand_id
1 'polypeptide(L)'
;GAMGSMERASLIQKAKLAEQAERYEDMAAFMKGAVEKGEELS(CSO)EERNLLSVAYKNVVGGQRAAWRVLSSIEQKSNE
EGSEEKGPEVREYREKVETELQGVCDTVLGLLDSHLIKEAGDAESRVFYLKMKGDYYRYLAEVATGDDKKRIIDSARSAY
QEAMDISKKEMPPTNPIRLGLALNFSVFHYEIANSPEEAISLAKTTFDEAMADLHTLSEDSYKDSTLIMQLLRDNLTLWT
;
A
2 'polypeptide(L)' FPA(TPO)V B
#
loop_
_chem_comp.id
_chem_comp.type
_chem_comp.name
_chem_comp.formula
RZT non-polymer 4-azanyl-~{N}-[3-(5-carbamimidoylthiophen-3-yl)phenyl]-1-(4-chloranylphenoxy)cyclohexane-1-carboxamide 'C24 H25 Cl N4 O2 S'
#
# COMPACT_ATOMS: atom_id res chain seq x y z
N GLY A 1 -7.59 13.60 19.06
CA GLY A 1 -7.48 12.11 19.07
C GLY A 1 -8.43 11.48 20.05
N ALA A 2 -9.48 10.82 19.53
CA ALA A 2 -10.46 10.16 20.38
C ALA A 2 -9.88 8.93 21.09
N MET A 3 -8.69 8.50 20.72
CA MET A 3 -8.00 7.42 21.40
C MET A 3 -6.99 7.92 22.41
N GLY A 4 -6.93 9.23 22.62
CA GLY A 4 -5.91 9.78 23.49
C GLY A 4 -5.98 9.30 24.92
N SER A 5 -7.16 8.92 25.38
CA SER A 5 -7.28 8.48 26.77
C SER A 5 -7.06 6.98 26.95
N MET A 6 -6.88 6.21 25.88
CA MET A 6 -6.68 4.78 25.99
C MET A 6 -5.19 4.41 26.03
N GLU A 7 -4.84 3.47 26.91
CA GLU A 7 -3.48 2.96 26.97
C GLU A 7 -2.99 2.45 25.62
N ARG A 8 -1.72 2.72 25.32
CA ARG A 8 -1.13 2.17 24.10
C ARG A 8 -1.35 0.67 24.00
N ALA A 9 -1.09 -0.07 25.09
CA ALA A 9 -1.18 -1.51 25.01
C ALA A 9 -2.61 -1.97 24.77
N SER A 10 -3.57 -1.24 25.34
CA SER A 10 -4.98 -1.54 25.13
C SER A 10 -5.40 -1.27 23.68
N LEU A 11 -4.85 -0.23 23.08
CA LEU A 11 -5.12 0.04 21.67
C LEU A 11 -4.62 -1.10 20.79
N ILE A 12 -3.41 -1.58 21.05
CA ILE A 12 -2.85 -2.69 20.28
C ILE A 12 -3.67 -3.95 20.49
N GLN A 13 -4.05 -4.24 21.74
CA GLN A 13 -4.92 -5.38 22.02
C GLN A 13 -6.22 -5.27 21.26
N LYS A 14 -6.84 -4.09 21.28
CA LYS A 14 -8.11 -3.95 20.60
C LYS A 14 -7.96 -3.99 19.09
N ALA A 15 -6.84 -3.49 18.54
CA ALA A 15 -6.61 -3.68 17.12
C ALA A 15 -6.63 -5.16 16.73
N LYS A 16 -5.99 -6.01 17.54
CA LYS A 16 -5.97 -7.44 17.26
C LYS A 16 -7.37 -8.05 17.36
N LEU A 17 -8.14 -7.59 18.33
CA LEU A 17 -9.53 -8.05 18.45
C LEU A 17 -10.36 -7.61 17.25
N ALA A 18 -10.18 -6.36 16.84
CA ALA A 18 -10.90 -5.84 15.69
C ALA A 18 -10.57 -6.64 14.45
N GLU A 19 -9.30 -7.02 14.30
CA GLU A 19 -8.91 -7.88 13.18
C GLU A 19 -9.66 -9.21 13.22
N GLN A 20 -9.72 -9.85 14.40
CA GLN A 20 -10.40 -11.13 14.49
C GLN A 20 -11.87 -10.99 14.13
N ALA A 21 -12.45 -9.83 14.45
CA ALA A 21 -13.85 -9.53 14.16
C ALA A 21 -14.06 -8.96 12.75
N GLU A 22 -13.00 -8.85 11.95
CA GLU A 22 -13.05 -8.24 10.62
C GLU A 22 -13.65 -6.84 10.63
N ARG A 23 -13.28 -6.08 11.66
CA ARG A 23 -13.69 -4.69 11.85
C ARG A 23 -12.50 -3.80 11.54
N TYR A 24 -12.18 -3.65 10.26
CA TYR A 24 -10.91 -3.04 9.90
C TYR A 24 -10.91 -1.52 10.08
N GLU A 25 -12.05 -0.85 9.94
CA GLU A 25 -12.10 0.57 10.27
C GLU A 25 -11.73 0.78 11.74
N ASP A 26 -12.33 -0.02 12.64
CA ASP A 26 -11.94 0.06 14.05
C ASP A 26 -10.45 -0.24 14.21
N MET A 27 -9.99 -1.31 13.58
CA MET A 27 -8.57 -1.68 13.66
C MET A 27 -7.66 -0.52 13.31
N ALA A 28 -8.01 0.18 12.23
CA ALA A 28 -7.20 1.30 11.78
C ALA A 28 -7.26 2.44 12.78
N ALA A 29 -8.44 2.70 13.33
CA ALA A 29 -8.55 3.76 14.32
C ALA A 29 -7.72 3.45 15.56
N PHE A 30 -7.74 2.19 16.01
CA PHE A 30 -6.96 1.79 17.17
C PHE A 30 -5.47 1.96 16.86
N MET A 31 -5.03 1.55 15.67
CA MET A 31 -3.60 1.61 15.37
C MET A 31 -3.17 3.07 15.17
N LYS A 32 -4.03 3.93 14.57
CA LYS A 32 -3.73 5.36 14.52
C LYS A 32 -3.54 5.91 15.92
N GLY A 33 -4.41 5.53 16.86
CA GLY A 33 -4.24 5.95 18.23
C GLY A 33 -2.92 5.48 18.81
N ALA A 34 -2.52 4.25 18.51
CA ALA A 34 -1.25 3.73 19.00
C ALA A 34 -0.09 4.53 18.42
N VAL A 35 -0.10 4.80 17.12
CA VAL A 35 0.96 5.61 16.52
C VAL A 35 1.05 6.96 17.19
N GLU A 36 -0.09 7.56 17.49
CA GLU A 36 -0.11 8.91 18.05
C GLU A 36 0.38 8.94 19.49
N LYS A 37 0.61 7.79 20.13
CA LYS A 37 1.30 7.80 21.41
C LYS A 37 2.74 8.28 21.29
N GLY A 38 3.30 8.25 20.08
CA GLY A 38 4.60 8.84 19.84
C GLY A 38 5.77 7.88 19.90
N GLU A 39 5.59 6.68 20.43
CA GLU A 39 6.64 5.69 20.46
C GLU A 39 6.81 5.03 19.10
N GLU A 40 8.01 4.55 18.84
CA GLU A 40 8.23 3.74 17.65
C GLU A 40 7.39 2.48 17.72
N LEU A 41 7.14 1.90 16.55
CA LEU A 41 6.37 0.67 16.43
C LEU A 41 7.27 -0.53 16.28
N SER A 42 6.90 -1.60 16.96
CA SER A 42 7.57 -2.88 16.77
C SER A 42 7.20 -3.47 15.41
N CSO A 43 7.87 -4.55 15.00
CA CSO A 43 7.54 -5.23 13.77
CB CSO A 43 8.48 -6.45 13.61
SG CSO A 43 8.23 -7.27 12.04
C CSO A 43 6.05 -5.65 13.72
O CSO A 43 5.33 -5.38 12.74
OD CSO A 43 6.95 -8.45 12.35
HA CSO A 43 7.67 -4.63 13.00
HB2 CSO A 43 8.31 -7.08 14.32
HB3 CSO A 43 9.40 -6.14 13.65
HD CSO A 43 6.74 -8.94 11.55
N GLU A 44 5.58 -6.28 14.78
CA GLU A 44 4.18 -6.73 14.81
C GLU A 44 3.24 -5.53 14.67
N GLU A 45 3.56 -4.46 15.39
CA GLU A 45 2.71 -3.28 15.39
C GLU A 45 2.69 -2.59 14.02
N ARG A 46 3.83 -2.53 13.35
CA ARG A 46 3.85 -1.97 12.00
C ARG A 46 2.93 -2.75 11.07
N ASN A 47 2.94 -4.07 11.19
CA ASN A 47 2.08 -4.90 10.34
C ASN A 47 0.63 -4.77 10.73
N LEU A 48 0.31 -4.60 12.01
CA LEU A 48 -1.08 -4.32 12.37
C LEU A 48 -1.56 -3.02 11.72
N LEU A 49 -0.72 -2.00 11.74
CA LEU A 49 -1.06 -0.73 11.11
C LEU A 49 -1.31 -0.92 9.63
N SER A 50 -0.39 -1.60 8.94
CA SER A 50 -0.51 -1.75 7.50
C SER A 50 -1.69 -2.61 7.14
N VAL A 51 -1.93 -3.71 7.87
CA VAL A 51 -3.07 -4.58 7.57
C VAL A 51 -4.36 -3.80 7.67
N ALA A 52 -4.50 -2.99 8.73
CA ALA A 52 -5.74 -2.26 8.94
C ALA A 52 -6.04 -1.31 7.80
N TYR A 53 -5.10 -0.43 7.50
CA TYR A 53 -5.38 0.57 6.48
C TYR A 53 -5.41 -0.05 5.08
N LYS A 54 -4.65 -1.13 4.84
CA LYS A 54 -4.73 -1.77 3.54
C LYS A 54 -6.14 -2.29 3.28
N ASN A 55 -6.78 -2.84 4.30
CA ASN A 55 -8.14 -3.37 4.19
C ASN A 55 -9.13 -2.25 4.02
N VAL A 56 -8.98 -1.18 4.78
CA VAL A 56 -9.90 -0.05 4.64
C VAL A 56 -9.80 0.54 3.24
N VAL A 57 -8.58 0.91 2.82
CA VAL A 57 -8.46 1.59 1.53
C VAL A 57 -8.74 0.62 0.40
N GLY A 58 -8.46 -0.68 0.61
CA GLY A 58 -8.77 -1.65 -0.43
C GLY A 58 -10.25 -1.71 -0.75
N GLY A 59 -11.08 -1.66 0.28
CA GLY A 59 -12.51 -1.60 0.05
C GLY A 59 -12.95 -0.32 -0.62
N GLN A 60 -12.35 0.80 -0.24
CA GLN A 60 -12.67 2.07 -0.87
C GLN A 60 -12.29 2.05 -2.34
N ARG A 61 -11.13 1.48 -2.65
CA ARG A 61 -10.67 1.40 -4.04
C ARG A 61 -11.61 0.54 -4.85
N ALA A 62 -12.03 -0.59 -4.30
CA ALA A 62 -12.95 -1.47 -5.03
C ALA A 62 -14.25 -0.74 -5.32
N ALA A 63 -14.75 0.00 -4.33
CA ALA A 63 -16.00 0.76 -4.53
C ALA A 63 -15.82 1.85 -5.57
N TRP A 64 -14.72 2.59 -5.48
CA TRP A 64 -14.42 3.64 -6.44
C TRP A 64 -14.39 3.09 -7.86
N ARG A 65 -13.80 1.91 -8.04
CA ARG A 65 -13.70 1.33 -9.38
C ARG A 65 -15.07 0.98 -9.93
N VAL A 66 -15.93 0.40 -9.09
CA VAL A 66 -17.29 0.10 -9.51
C VAL A 66 -17.99 1.38 -9.97
N LEU A 67 -17.90 2.42 -9.14
CA LEU A 67 -18.60 3.67 -9.43
C LEU A 67 -18.00 4.38 -10.64
N SER A 68 -16.67 4.40 -10.75
CA SER A 68 -16.04 4.98 -11.93
C SER A 68 -16.48 4.26 -13.20
N SER A 69 -16.58 2.93 -13.14
CA SER A 69 -17.07 2.16 -14.29
C SER A 69 -18.48 2.57 -14.67
N ILE A 70 -19.37 2.67 -13.69
CA ILE A 70 -20.75 3.08 -13.97
C ILE A 70 -20.75 4.49 -14.57
N GLU A 71 -19.90 5.36 -14.03
CA GLU A 71 -19.86 6.74 -14.48
C GLU A 71 -19.41 6.83 -15.93
N GLN A 72 -18.37 6.08 -16.29
CA GLN A 72 -17.89 6.13 -17.67
C GLN A 72 -18.94 5.63 -18.64
N LYS A 73 -19.67 4.58 -18.26
CA LYS A 73 -20.74 4.08 -19.11
C LYS A 73 -21.84 5.12 -19.30
N SER A 74 -22.24 5.79 -18.21
CA SER A 74 -23.26 6.83 -18.32
C SER A 74 -22.83 7.95 -19.27
N ASN A 75 -21.54 8.02 -19.61
CA ASN A 75 -21.01 9.06 -20.48
C ASN A 75 -20.71 8.56 -21.90
N GLU A 76 -21.07 7.33 -22.22
CA GLU A 76 -20.89 6.84 -23.59
C GLU A 76 -21.94 7.43 -24.52
N GLU A 77 -21.69 7.32 -25.82
CA GLU A 77 -22.66 7.72 -26.83
C GLU A 77 -23.87 6.79 -26.78
N GLY A 78 -25.04 7.35 -26.48
CA GLY A 78 -26.28 6.60 -26.44
C GLY A 78 -26.85 6.39 -25.06
N SER A 79 -26.15 6.81 -24.01
CA SER A 79 -26.61 6.60 -22.66
C SER A 79 -27.68 7.62 -22.30
N GLU A 80 -28.64 7.20 -21.48
CA GLU A 80 -29.67 8.10 -21.01
C GLU A 80 -29.13 8.90 -19.83
N GLU A 81 -29.11 10.23 -19.98
CA GLU A 81 -28.73 11.12 -18.89
C GLU A 81 -29.40 10.68 -17.60
N LYS A 82 -28.61 10.49 -16.56
CA LYS A 82 -29.15 10.13 -15.26
C LYS A 82 -28.93 11.21 -14.21
N GLY A 83 -28.35 12.34 -14.60
CA GLY A 83 -28.14 13.44 -13.69
C GLY A 83 -26.80 13.34 -13.00
N PRO A 84 -26.61 14.14 -11.96
CA PRO A 84 -25.31 14.25 -11.32
C PRO A 84 -25.00 13.17 -10.30
N GLU A 85 -25.92 12.22 -10.06
CA GLU A 85 -25.81 11.39 -8.86
C GLU A 85 -24.62 10.44 -8.92
N VAL A 86 -24.35 9.83 -10.07
CA VAL A 86 -23.24 8.90 -10.15
C VAL A 86 -21.92 9.63 -9.91
N ARG A 87 -21.73 10.77 -10.59
CA ARG A 87 -20.54 11.58 -10.35
C ARG A 87 -20.45 11.99 -8.88
N GLU A 88 -21.56 12.47 -8.30
CA GLU A 88 -21.52 12.94 -6.92
C GLU A 88 -21.10 11.82 -5.98
N TYR A 89 -21.67 10.63 -6.17
CA TYR A 89 -21.39 9.54 -5.24
C TYR A 89 -19.96 9.01 -5.45
N ARG A 90 -19.52 8.92 -6.71
CA ARG A 90 -18.11 8.60 -6.96
C ARG A 90 -17.19 9.61 -6.28
N GLU A 91 -17.52 10.90 -6.38
CA GLU A 91 -16.75 11.93 -5.70
C GLU A 91 -16.74 11.75 -4.19
N LYS A 92 -17.88 11.36 -3.61
CA LYS A 92 -17.97 11.14 -2.18
C LYS A 92 -17.02 10.03 -1.75
N VAL A 93 -17.07 8.90 -2.44
CA VAL A 93 -16.19 7.79 -2.11
C VAL A 93 -14.73 8.20 -2.33
N GLU A 94 -14.46 8.90 -3.44
CA GLU A 94 -13.11 9.36 -3.74
C GLU A 94 -12.55 10.25 -2.64
N THR A 95 -13.38 11.17 -2.13
CA THR A 95 -12.94 12.08 -1.09
C THR A 95 -12.65 11.32 0.21
N GLU A 96 -13.46 10.32 0.52
CA GLU A 96 -13.21 9.53 1.72
C GLU A 96 -11.93 8.73 1.56
N LEU A 97 -11.71 8.16 0.35
CA LEU A 97 -10.46 7.46 0.05
C LEU A 97 -9.25 8.38 0.21
N GLN A 98 -9.33 9.57 -0.37
CA GLN A 98 -8.22 10.53 -0.25
C GLN A 98 -7.99 10.88 1.21
N GLY A 99 -9.05 10.95 2.00
CA GLY A 99 -8.88 11.25 3.40
C GLY A 99 -8.11 10.17 4.13
N VAL A 100 -8.43 8.91 3.87
CA VAL A 100 -7.72 7.79 4.49
C VAL A 100 -6.25 7.82 4.08
N CYS A 101 -5.99 8.02 2.78
CA CYS A 101 -4.61 8.11 2.32
C CYS A 101 -3.86 9.24 3.01
N ASP A 102 -4.48 10.43 3.09
CA ASP A 102 -3.85 11.55 3.75
C ASP A 102 -3.59 11.25 5.22
N THR A 103 -4.52 10.54 5.87
CA THR A 103 -4.30 10.15 7.26
C THR A 103 -3.07 9.27 7.39
N VAL A 104 -2.98 8.23 6.56
CA VAL A 104 -1.82 7.33 6.65
C VAL A 104 -0.54 8.09 6.34
N LEU A 105 -0.55 8.88 5.26
CA LEU A 105 0.65 9.65 4.91
C LEU A 105 1.01 10.61 6.03
N GLY A 106 0.01 11.16 6.71
CA GLY A 106 0.27 12.01 7.85
C GLY A 106 0.95 11.29 9.00
N LEU A 107 0.51 10.06 9.30
CA LEU A 107 1.18 9.28 10.33
C LEU A 107 2.62 8.98 9.95
N LEU A 108 2.86 8.66 8.67
CA LEU A 108 4.22 8.37 8.25
C LEU A 108 5.10 9.61 8.35
N ASP A 109 4.54 10.78 8.05
CA ASP A 109 5.28 12.02 8.11
C ASP A 109 5.38 12.59 9.53
N SER A 110 4.53 12.15 10.44
CA SER A 110 4.50 12.67 11.82
C SER A 110 4.26 11.54 12.82
N HIS A 111 5.32 10.77 13.13
CA HIS A 111 6.70 11.00 12.73
C HIS A 111 7.38 9.67 12.52
N LEU A 112 6.65 8.72 11.93
CA LEU A 112 7.16 7.36 11.85
C LEU A 112 8.44 7.28 11.02
N ILE A 113 8.47 7.89 9.83
CA ILE A 113 9.61 7.73 8.95
C ILE A 113 10.85 8.39 9.56
N LYS A 114 10.71 9.58 10.13
CA LYS A 114 11.91 10.26 10.57
C LYS A 114 12.58 9.56 11.74
N GLU A 115 11.83 8.77 12.52
CA GLU A 115 12.41 8.03 13.63
C GLU A 115 12.85 6.63 13.23
N ALA A 116 12.61 6.21 11.98
CA ALA A 116 12.87 4.84 11.55
C ALA A 116 14.28 4.75 10.99
N GLY A 117 15.16 4.09 11.74
CA GLY A 117 16.56 3.98 11.37
C GLY A 117 16.98 2.61 10.87
N ASP A 118 16.33 1.57 11.37
CA ASP A 118 16.63 0.23 10.93
C ASP A 118 16.00 -0.01 9.56
N ALA A 119 16.69 -0.79 8.74
CA ALA A 119 16.18 -1.06 7.40
C ALA A 119 14.76 -1.63 7.43
N GLU A 120 14.49 -2.58 8.34
CA GLU A 120 13.19 -3.25 8.30
C GLU A 120 12.06 -2.27 8.60
N SER A 121 12.29 -1.27 9.43
CA SER A 121 11.24 -0.29 9.68
C SER A 121 11.21 0.77 8.59
N ARG A 122 12.39 1.30 8.24
CA ARG A 122 12.43 2.41 7.29
C ARG A 122 11.91 1.98 5.91
N VAL A 123 12.36 0.82 5.41
CA VAL A 123 11.88 0.35 4.11
C VAL A 123 10.38 0.09 4.17
N PHE A 124 9.90 -0.50 5.28
CA PHE A 124 8.47 -0.77 5.43
C PHE A 124 7.66 0.53 5.31
N TYR A 125 8.07 1.56 6.05
CA TYR A 125 7.32 2.81 6.03
C TYR A 125 7.41 3.52 4.69
N LEU A 126 8.59 3.52 4.06
CA LEU A 126 8.68 4.16 2.76
C LEU A 126 7.89 3.42 1.69
N LYS A 127 7.82 2.09 1.78
CA LYS A 127 6.92 1.33 0.91
C LYS A 127 5.47 1.78 1.10
N MET A 128 5.02 1.89 2.36
CA MET A 128 3.67 2.39 2.63
C MET A 128 3.47 3.76 2.02
N LYS A 129 4.47 4.65 2.15
CA LYS A 129 4.34 5.99 1.60
C LYS A 129 4.15 5.95 0.10
N GLY A 130 4.94 5.10 -0.58
CA GLY A 130 4.72 4.88 -2.01
C GLY A 130 3.32 4.33 -2.32
N ASP A 131 2.88 3.33 -1.55
CA ASP A 131 1.59 2.71 -1.75
C ASP A 131 0.45 3.74 -1.64
N TYR A 132 0.48 4.60 -0.61
CA TYR A 132 -0.67 5.50 -0.40
C TYR A 132 -0.62 6.67 -1.36
N TYR A 133 0.57 7.12 -1.80
CA TYR A 133 0.59 8.04 -2.92
C TYR A 133 0.11 7.37 -4.19
N ARG A 134 0.42 6.07 -4.37
CA ARG A 134 -0.08 5.36 -5.53
C ARG A 134 -1.60 5.31 -5.53
N TYR A 135 -2.23 5.07 -4.38
CA TYR A 135 -3.69 5.07 -4.32
C TYR A 135 -4.25 6.45 -4.63
N LEU A 136 -3.58 7.51 -4.14
CA LEU A 136 -3.99 8.85 -4.53
C LEU A 136 -3.86 9.05 -6.03
N ALA A 137 -2.78 8.52 -6.62
CA ALA A 137 -2.56 8.67 -8.05
C ALA A 137 -3.67 8.00 -8.85
N GLU A 138 -4.20 6.88 -8.35
CA GLU A 138 -5.21 6.12 -9.08
C GLU A 138 -6.45 6.95 -9.34
N VAL A 139 -6.75 7.91 -8.47
CA VAL A 139 -7.94 8.74 -8.59
C VAL A 139 -7.63 10.17 -9.00
N ALA A 140 -6.37 10.51 -9.19
CA ALA A 140 -5.98 11.88 -9.46
C ALA A 140 -6.20 12.21 -10.93
N THR A 141 -6.64 13.45 -11.18
CA THR A 141 -6.93 13.92 -12.53
C THR A 141 -6.56 15.38 -12.78
N GLY A 142 -6.00 16.09 -11.80
CA GLY A 142 -5.84 17.53 -11.89
C GLY A 142 -4.39 17.99 -12.03
N ASP A 143 -4.18 19.28 -11.70
CA ASP A 143 -2.88 19.94 -11.77
C ASP A 143 -1.81 19.22 -10.95
N ASP A 144 -2.22 18.32 -10.06
CA ASP A 144 -1.34 17.69 -9.09
C ASP A 144 -0.99 16.25 -9.44
N LYS A 145 -1.61 15.67 -10.47
CA LYS A 145 -1.46 14.25 -10.74
C LYS A 145 0.00 13.88 -10.97
N LYS A 146 0.73 14.67 -11.76
CA LYS A 146 2.13 14.34 -11.97
C LYS A 146 2.92 14.40 -10.68
N ARG A 147 2.61 15.37 -9.81
CA ARG A 147 3.37 15.50 -8.58
C ARG A 147 3.04 14.35 -7.63
N ILE A 148 1.79 13.88 -7.62
CA ILE A 148 1.42 12.74 -6.79
C ILE A 148 2.17 11.51 -7.26
N ILE A 149 2.21 11.29 -8.57
CA ILE A 149 2.96 10.18 -9.14
C ILE A 149 4.42 10.26 -8.75
N ASP A 150 5.00 11.46 -8.84
CA ASP A 150 6.41 11.55 -8.51
C ASP A 150 6.67 11.36 -7.02
N SER A 151 5.71 11.74 -6.17
CA SER A 151 5.83 11.45 -4.75
C SER A 151 5.83 9.95 -4.48
N ALA A 152 4.97 9.20 -5.17
CA ALA A 152 4.98 7.74 -5.02
C ALA A 152 6.33 7.18 -5.48
N ARG A 153 6.76 7.59 -6.67
CA ARG A 153 8.00 7.12 -7.25
C ARG A 153 9.17 7.39 -6.31
N SER A 154 9.23 8.60 -5.75
CA SER A 154 10.34 8.98 -4.90
C SER A 154 10.39 8.14 -3.63
N ALA A 155 9.24 7.87 -3.03
CA ALA A 155 9.20 7.06 -1.82
C ALA A 155 9.63 5.63 -2.11
N TYR A 156 9.06 5.04 -3.18
CA TYR A 156 9.45 3.71 -3.59
C TYR A 156 10.94 3.63 -3.89
N GLN A 157 11.48 4.66 -4.56
CA GLN A 157 12.90 4.64 -4.95
C GLN A 157 13.80 4.68 -3.73
N GLU A 158 13.48 5.54 -2.75
CA GLU A 158 14.28 5.57 -1.53
C GLU A 158 14.21 4.22 -0.82
N ALA A 159 13.01 3.62 -0.75
CA ALA A 159 12.87 2.31 -0.14
C ALA A 159 13.67 1.27 -0.90
N MET A 160 13.65 1.33 -2.23
CA MET A 160 14.40 0.35 -3.03
C MET A 160 15.90 0.49 -2.77
N ASP A 161 16.40 1.74 -2.76
CA ASP A 161 17.82 1.93 -2.56
C ASP A 161 18.29 1.37 -1.22
N ILE A 162 17.51 1.60 -0.15
CA ILE A 162 17.86 1.07 1.16
C ILE A 162 17.78 -0.45 1.14
N SER A 163 16.74 -1.00 0.53
CA SER A 163 16.53 -2.45 0.59
C SER A 163 17.66 -3.18 -0.14
N LYS A 164 18.14 -2.62 -1.24
CA LYS A 164 19.21 -3.30 -1.97
C LYS A 164 20.53 -3.24 -1.23
N LYS A 165 20.74 -2.21 -0.40
CA LYS A 165 21.96 -2.08 0.36
C LYS A 165 21.91 -2.89 1.66
N GLU A 166 20.73 -3.00 2.28
CA GLU A 166 20.62 -3.45 3.65
C GLU A 166 19.87 -4.76 3.87
N MET A 167 19.18 -5.27 2.87
CA MET A 167 18.43 -6.50 3.06
C MET A 167 18.83 -7.55 2.03
N PRO A 168 18.73 -8.83 2.37
CA PRO A 168 18.95 -9.87 1.37
C PRO A 168 17.86 -9.85 0.33
N PRO A 169 18.11 -10.44 -0.83
CA PRO A 169 17.11 -10.39 -1.91
C PRO A 169 15.86 -11.19 -1.61
N THR A 170 15.88 -12.07 -0.61
CA THR A 170 14.68 -12.82 -0.24
C THR A 170 13.89 -12.16 0.87
N ASN A 171 14.35 -11.04 1.42
CA ASN A 171 13.62 -10.42 2.52
C ASN A 171 12.20 -10.12 2.06
N PRO A 172 11.18 -10.58 2.77
CA PRO A 172 9.81 -10.38 2.27
C PRO A 172 9.41 -8.91 2.13
N ILE A 173 9.97 -8.01 2.95
CA ILE A 173 9.69 -6.60 2.78
C ILE A 173 10.28 -6.10 1.47
N ARG A 174 11.53 -6.46 1.21
CA ARG A 174 12.16 -6.13 -0.05
C ARG A 174 11.36 -6.69 -1.24
N LEU A 175 10.92 -7.93 -1.14
CA LEU A 175 10.13 -8.53 -2.22
C LEU A 175 8.80 -7.82 -2.42
N GLY A 176 8.09 -7.53 -1.33
CA GLY A 176 6.80 -6.88 -1.45
C GLY A 176 6.92 -5.45 -1.96
N LEU A 177 7.97 -4.77 -1.55
CA LEU A 177 8.27 -3.44 -2.10
C LEU A 177 8.45 -3.51 -3.62
N ALA A 178 9.26 -4.47 -4.08
CA ALA A 178 9.50 -4.61 -5.51
C ALA A 178 8.22 -4.98 -6.26
N LEU A 179 7.44 -5.90 -5.71
CA LEU A 179 6.15 -6.24 -6.27
C LEU A 179 5.31 -5.00 -6.50
N ASN A 180 5.19 -4.17 -5.46
CA ASN A 180 4.29 -3.03 -5.55
C ASN A 180 4.87 -1.93 -6.44
N PHE A 181 6.18 -1.70 -6.38
CA PHE A 181 6.81 -0.69 -7.25
C PHE A 181 6.68 -1.11 -8.70
N SER A 182 6.79 -2.41 -8.96
CA SER A 182 6.52 -2.92 -10.30
C SER A 182 5.09 -2.63 -10.74
N VAL A 183 4.11 -2.85 -9.88
CA VAL A 183 2.73 -2.49 -10.22
C VAL A 183 2.59 -0.97 -10.45
N PHE A 184 3.23 -0.16 -9.61
CA PHE A 184 3.27 1.28 -9.86
C PHE A 184 3.76 1.56 -11.28
N HIS A 185 4.86 0.94 -11.69
CA HIS A 185 5.35 1.20 -13.04
C HIS A 185 4.30 0.84 -14.10
N TYR A 186 3.67 -0.33 -13.95
CA TYR A 186 2.75 -0.83 -14.96
C TYR A 186 1.46 -0.01 -15.00
N GLU A 187 0.87 0.26 -13.84
CA GLU A 187 -0.49 0.79 -13.78
C GLU A 187 -0.55 2.31 -13.64
N ILE A 188 0.48 2.95 -13.11
CA ILE A 188 0.48 4.37 -12.81
C ILE A 188 1.41 5.13 -13.75
N ALA A 189 2.64 4.64 -13.90
CA ALA A 189 3.67 5.37 -14.63
C ALA A 189 3.71 5.04 -16.12
N ASN A 190 2.82 4.18 -16.60
CA ASN A 190 2.79 3.80 -18.02
C ASN A 190 4.15 3.30 -18.48
N SER A 191 4.76 2.48 -17.63
CA SER A 191 6.09 1.93 -17.87
C SER A 191 6.05 0.42 -17.73
N PRO A 192 5.29 -0.26 -18.59
CA PRO A 192 5.18 -1.72 -18.47
C PRO A 192 6.52 -2.43 -18.61
N GLU A 193 7.43 -1.93 -19.43
CA GLU A 193 8.71 -2.63 -19.56
C GLU A 193 9.50 -2.56 -18.25
N GLU A 194 9.47 -1.40 -17.58
CA GLU A 194 10.13 -1.28 -16.28
C GLU A 194 9.49 -2.21 -15.26
N ALA A 195 8.16 -2.29 -15.28
CA ALA A 195 7.42 -3.18 -14.40
C ALA A 195 7.86 -4.62 -14.57
N ILE A 196 7.95 -5.07 -15.82
CA ILE A 196 8.31 -6.45 -16.11
C ILE A 196 9.77 -6.70 -15.75
N SER A 197 10.67 -5.79 -16.12
CA SER A 197 12.08 -5.95 -15.77
C SER A 197 12.25 -6.07 -14.26
N LEU A 198 11.60 -5.18 -13.51
CA LEU A 198 11.78 -5.18 -12.06
C LEU A 198 11.26 -6.48 -11.47
N ALA A 199 10.07 -6.93 -11.88
CA ALA A 199 9.52 -8.17 -11.33
C ALA A 199 10.43 -9.36 -11.63
N LYS A 200 10.93 -9.43 -12.86
CA LYS A 200 11.76 -10.56 -13.27
C LYS A 200 13.09 -10.56 -12.53
N THR A 201 13.76 -9.41 -12.50
CA THR A 201 15.04 -9.33 -11.79
C THR A 201 14.87 -9.63 -10.29
N THR A 202 13.80 -9.12 -9.69
CA THR A 202 13.56 -9.39 -8.26
C THR A 202 13.38 -10.89 -8.05
N PHE A 203 12.58 -11.51 -8.91
CA PHE A 203 12.30 -12.95 -8.78
C PHE A 203 13.59 -13.75 -8.88
N ASP A 204 14.42 -13.44 -9.88
CA ASP A 204 15.63 -14.22 -10.14
C ASP A 204 16.66 -14.05 -9.02
N GLU A 205 16.81 -12.82 -8.52
CA GLU A 205 17.76 -12.60 -7.44
C GLU A 205 17.30 -13.29 -6.16
N ALA A 206 15.98 -13.32 -5.94
CA ALA A 206 15.46 -14.02 -4.77
C ALA A 206 15.70 -15.53 -4.92
N MET A 207 15.40 -16.07 -6.09
CA MET A 207 15.56 -17.51 -6.31
C MET A 207 16.97 -17.95 -5.94
N ALA A 208 17.98 -17.16 -6.33
CA ALA A 208 19.35 -17.53 -6.06
C ALA A 208 19.74 -17.43 -4.60
N ASP A 209 18.92 -16.81 -3.73
CA ASP A 209 19.24 -16.65 -2.32
C ASP A 209 18.39 -17.56 -1.44
N LEU A 210 17.45 -18.31 -2.02
CA LEU A 210 16.58 -19.17 -1.22
C LEU A 210 17.36 -20.23 -0.47
N HIS A 211 18.52 -20.66 -1.00
CA HIS A 211 19.29 -21.75 -0.39
C HIS A 211 19.77 -21.38 1.01
N THR A 212 19.77 -20.09 1.36
CA THR A 212 20.27 -19.65 2.66
C THR A 212 19.21 -19.70 3.74
N LEU A 213 17.96 -19.96 3.40
CA LEU A 213 16.83 -19.77 4.29
C LEU A 213 16.40 -21.03 5.01
N SER A 214 15.85 -20.82 6.20
CA SER A 214 15.13 -21.87 6.90
C SER A 214 13.84 -22.22 6.16
N GLU A 215 13.20 -23.32 6.58
CA GLU A 215 11.94 -23.71 5.97
C GLU A 215 10.88 -22.62 6.12
N ASP A 216 10.84 -21.98 7.29
CA ASP A 216 9.79 -20.99 7.50
C ASP A 216 10.07 -19.71 6.70
N SER A 217 11.33 -19.31 6.62
CA SER A 217 11.67 -18.13 5.82
C SER A 217 11.47 -18.41 4.34
N TYR A 218 11.81 -19.62 3.91
CA TYR A 218 11.54 -20.05 2.54
C TYR A 218 10.07 -19.90 2.18
N LYS A 219 9.17 -20.35 3.07
CA LYS A 219 7.74 -20.24 2.78
C LYS A 219 7.33 -18.79 2.59
N ASP A 220 7.84 -17.90 3.44
CA ASP A 220 7.49 -16.49 3.35
C ASP A 220 7.97 -15.88 2.04
N SER A 221 9.22 -16.16 1.69
CA SER A 221 9.80 -15.57 0.48
C SER A 221 9.16 -16.13 -0.77
N THR A 222 8.95 -17.45 -0.83
CA THR A 222 8.42 -18.01 -2.05
C THR A 222 6.96 -17.60 -2.28
N LEU A 223 6.23 -17.30 -1.21
CA LEU A 223 4.87 -16.79 -1.39
C LEU A 223 4.88 -15.49 -2.18
N ILE A 224 5.76 -14.56 -1.83
CA ILE A 224 5.75 -13.29 -2.56
C ILE A 224 6.37 -13.47 -3.93
N MET A 225 7.34 -14.39 -4.07
CA MET A 225 7.89 -14.67 -5.38
C MET A 225 6.79 -15.16 -6.33
N GLN A 226 5.84 -15.96 -5.80
CA GLN A 226 4.75 -16.44 -6.62
C GLN A 226 3.86 -15.29 -7.07
N LEU A 227 3.68 -14.26 -6.24
CA LEU A 227 2.94 -13.08 -6.69
C LEU A 227 3.67 -12.34 -7.81
N LEU A 228 5.00 -12.22 -7.72
CA LEU A 228 5.77 -11.65 -8.82
C LEU A 228 5.55 -12.43 -10.11
N ARG A 229 5.60 -13.76 -10.03
CA ARG A 229 5.39 -14.59 -11.20
C ARG A 229 3.97 -14.44 -11.72
N ASP A 230 3.00 -14.36 -10.82
CA ASP A 230 1.60 -14.17 -11.22
C ASP A 230 1.46 -12.89 -12.05
N ASN A 231 2.05 -11.80 -11.57
CA ASN A 231 1.96 -10.56 -12.33
C ASN A 231 2.67 -10.69 -13.67
N LEU A 232 3.86 -11.30 -13.69
CA LEU A 232 4.57 -11.49 -14.95
C LEU A 232 3.74 -12.29 -15.94
N THR A 233 2.99 -13.29 -15.44
CA THR A 233 2.11 -14.06 -16.31
C THR A 233 0.96 -13.21 -16.83
N LEU A 234 0.44 -12.34 -15.98
CA LEU A 234 -0.59 -11.40 -16.40
C LEU A 234 -0.08 -10.47 -17.50
N TRP A 235 1.20 -10.11 -17.49
CA TRP A 235 1.70 -9.03 -18.32
C TRP A 235 2.44 -9.48 -19.57
N THR A 236 2.63 -10.78 -19.76
CA THR A 236 3.43 -11.28 -20.89
C THR A 236 2.66 -12.41 -21.58
N PHE B 1 -6.92 -7.20 -11.75
CA PHE B 1 -5.91 -6.31 -11.19
C PHE B 1 -4.69 -7.12 -10.74
N PRO B 2 -3.51 -6.52 -10.81
CA PRO B 2 -2.29 -7.24 -10.42
C PRO B 2 -2.14 -7.32 -8.91
N ALA B 3 -1.32 -8.26 -8.48
CA ALA B 3 -1.12 -8.48 -7.07
C ALA B 3 -0.20 -7.45 -6.42
N TPO B 4 -0.60 -6.98 -5.25
CA TPO B 4 0.22 -6.11 -4.40
CB TPO B 4 -0.18 -4.61 -4.53
CG2 TPO B 4 0.17 -4.07 -5.92
OG1 TPO B 4 -1.58 -4.60 -4.25
P TPO B 4 -2.29 -3.17 -3.99
O1P TPO B 4 -2.56 -2.56 -5.30
O2P TPO B 4 -3.65 -3.60 -3.25
O3P TPO B 4 -1.43 -2.30 -3.03
C TPO B 4 0.05 -6.59 -2.97
O TPO B 4 -0.95 -7.26 -2.62
N VAL B 5 1.03 -6.27 -2.14
CA VAL B 5 0.96 -6.68 -0.74
C VAL B 5 1.16 -5.55 0.24
C11 RZT C . 5.71 -7.89 2.64
C12 RZT C . 5.08 -6.80 3.16
C14 RZT C . 3.86 -6.92 3.83
C02 RZT C . 0.50 -12.32 2.03
C03 RZT C . 1.76 -12.97 2.60
C04 RZT C . 2.01 -12.43 4.02
C05 RZT C . 2.12 -10.90 4.05
C06 RZT C . 0.99 -10.22 3.30
C07 RZT C . 0.73 -10.81 1.92
C09 RZT C . 3.92 -9.31 3.42
C10 RZT C . 5.14 -9.14 2.75
C15 RZT C . 3.29 -8.18 3.95
C16 RZT C . 2.15 -10.45 5.54
C19 RZT C . 3.74 -10.39 7.60
C20 RZT C . 2.75 -10.26 8.58
C21 RZT C . 3.17 -9.98 9.87
C22 RZT C . 4.50 -9.83 10.22
C23 RZT C . 5.47 -9.96 9.23
C24 RZT C . 5.07 -10.24 7.94
C25 RZT C . 2.13 -9.82 10.97
C26 RZT C . 2.40 -9.68 12.36
C28 RZT C . -0.05 -9.60 11.88
C29 RZT C . 0.67 -9.78 10.66
C30 RZT C . -1.55 -9.55 11.97
N01 RZT C . 0.12 -12.85 0.74
N18 RZT C . 3.43 -10.72 6.20
N31 RZT C . -2.31 -9.53 10.73
N32 RZT C . -2.03 -9.58 13.13
O08 RZT C . 3.41 -10.64 3.46
O17 RZT C . 1.22 -9.92 6.09
S27 RZT C . 0.95 -9.51 13.13
CL1 RZT C . 5.85 -5.21 3.01
H111 RZT C . 6.67 -7.77 2.13
H141 RZT C . 3.37 -6.05 4.25
H021 RZT C . -0.33 -12.56 2.67
H032 RZT C . 2.61 -12.74 1.97
H031 RZT C . 1.62 -14.04 2.65
H041 RZT C . 2.92 -12.85 4.40
H042 RZT C . 1.18 -12.72 4.65
H061 RZT C . 0.08 -10.30 3.89
H062 RZT C . 1.23 -9.17 3.19
H071 RZT C . -0.14 -10.35 1.48
H072 RZT C . 1.59 -10.63 1.29
H101 RZT C . 5.64 -10.01 2.33
H151 RZT C . 2.36 -8.30 4.48
H201 RZT C . 1.71 -10.37 8.34
H221 RZT C . 4.78 -9.59 11.24
H231 RZT C . 6.52 -9.85 9.47
H241 RZT C . 5.83 -10.34 7.16
H261 RZT C . 3.38 -9.68 12.83
H291 RZT C . 0.22 -9.87 9.68
H012 RZT C . -0.63 -12.30 0.38
H011 RZT C . -0.20 -13.79 0.88
H181 RZT C . 4.14 -11.14 5.65
H312 RZT C . -1.83 -9.51 9.84
H321 RZT C . -3.00 -9.58 13.29
H311 RZT C . -3.30 -9.51 10.75
#